data_1C6V
#
_entry.id   1C6V
#
_cell.length_a   79.57
_cell.length_b   100.00
_cell.length_c   150.50
_cell.angle_alpha   90.00
_cell.angle_beta   90.00
_cell.angle_gamma   90.00
#
_symmetry.space_group_name_H-M   'P 21 21 21'
#
loop_
_entity.id
_entity.type
_entity.pdbx_description
1 polymer 'PROTEIN (SIV INTEGRASE)'
2 polymer 'PROTEIN (SIU89134)'
3 water water
#
loop_
_entity_poly.entity_id
_entity_poly.type
_entity_poly.pdbx_seq_one_letter_code
_entity_poly.pdbx_strand_id
1 'polypeptide(L)'
;IHGQVNSDLGTWQMDCTHLEGKIVIVAVHVASGFIEAEVIPQETGRQTALFLLKLAGRWPITHLHTDNGANFASQEVKMV
AWWAGIEHTFGVPYNPQSQGVVEAMNHHLKNQIDRIREQANSVETIVLMAVHCMNHKRRGGIGDMTPAERLINMITTEQE
IQFQ
;
A,B,C,D
2 'polypeptide(L)'
;QQSKNSKFKNFRVYYREGRDQLWKGPGELLWKGEGAVLLKVGTDIKVVPRRKAKIIKDYGGGKEVDSSSHMEDTGEAREV
A
;
X
#
# COMPACT_ATOMS: atom_id res chain seq x y z
N ASN A 6 -13.39 -3.99 27.72
CA ASN A 6 -12.52 -2.90 28.26
C ASN A 6 -11.42 -2.58 27.24
N SER A 7 -10.29 -3.30 27.29
CA SER A 7 -9.18 -3.07 26.37
C SER A 7 -9.41 -3.61 24.97
N ASP A 8 -10.67 -3.63 24.54
CA ASP A 8 -11.01 -4.07 23.20
C ASP A 8 -10.33 -3.01 22.32
N LEU A 9 -9.55 -3.43 21.32
CA LEU A 9 -8.85 -2.48 20.47
C LEU A 9 -9.69 -1.33 19.92
N GLY A 10 -11.00 -1.48 19.88
CA GLY A 10 -11.83 -0.41 19.37
C GLY A 10 -12.36 0.51 20.45
N THR A 11 -12.06 0.21 21.70
CA THR A 11 -12.54 1.00 22.84
C THR A 11 -11.93 2.38 23.12
N TRP A 12 -12.77 3.39 23.15
CA TRP A 12 -12.35 4.76 23.42
C TRP A 12 -13.31 5.29 24.47
N GLN A 13 -12.83 6.16 25.36
CA GLN A 13 -13.66 6.72 26.43
C GLN A 13 -13.70 8.23 26.34
N MET A 14 -14.90 8.81 26.42
CA MET A 14 -15.05 10.25 26.34
C MET A 14 -15.51 10.88 27.62
N ASP A 15 -14.55 11.46 28.33
CA ASP A 15 -14.78 12.15 29.58
C ASP A 15 -15.03 13.57 29.07
N CYS A 16 -15.65 14.42 29.88
CA CYS A 16 -15.86 15.80 29.46
C CYS A 16 -15.55 16.65 30.71
N THR A 17 -14.81 17.74 30.55
CA THR A 17 -14.45 18.52 31.73
C THR A 17 -14.52 20.04 31.60
N HIS A 18 -13.94 20.71 32.60
CA HIS A 18 -13.85 22.17 32.68
C HIS A 18 -12.41 22.49 33.11
N LEU A 19 -11.83 23.50 32.49
CA LEU A 19 -10.45 23.91 32.80
C LEU A 19 -10.42 25.38 32.46
N GLU A 20 -10.05 26.23 33.43
CA GLU A 20 -10.01 27.68 33.25
C GLU A 20 -11.31 28.32 32.73
N GLY A 21 -12.44 27.74 33.15
CA GLY A 21 -13.74 28.27 32.73
C GLY A 21 -14.13 27.75 31.36
N LYS A 22 -13.20 27.01 30.75
CA LYS A 22 -13.45 26.43 29.44
C LYS A 22 -14.03 25.06 29.71
N ILE A 23 -14.37 24.37 28.62
CA ILE A 23 -14.91 23.01 28.68
C ILE A 23 -13.99 22.18 27.80
N VAL A 24 -13.32 21.21 28.41
CA VAL A 24 -12.38 20.35 27.71
C VAL A 24 -12.94 18.94 27.51
N ILE A 25 -13.22 18.60 26.26
CA ILE A 25 -13.74 17.26 25.91
C ILE A 25 -12.51 16.35 25.83
N VAL A 26 -12.62 15.11 26.28
CA VAL A 26 -11.45 14.22 26.29
C VAL A 26 -11.81 12.80 25.84
N ALA A 27 -10.87 12.11 25.20
CA ALA A 27 -11.11 10.76 24.76
C ALA A 27 -9.86 9.93 24.86
N VAL A 28 -9.93 8.80 25.57
CA VAL A 28 -8.74 7.96 25.77
C VAL A 28 -8.84 6.61 25.09
N HIS A 29 -7.74 6.14 24.51
CA HIS A 29 -7.77 4.82 23.90
C HIS A 29 -7.40 3.79 24.97
N VAL A 30 -8.40 3.36 25.74
CA VAL A 30 -8.25 2.39 26.82
C VAL A 30 -7.13 1.34 26.78
N ALA A 31 -6.79 0.87 25.59
CA ALA A 31 -5.76 -0.17 25.46
C ALA A 31 -4.32 0.33 25.42
N SER A 32 -4.16 1.64 25.29
CA SER A 32 -2.83 2.27 25.23
C SER A 32 -2.88 3.50 26.10
N GLY A 33 -2.67 4.66 25.49
CA GLY A 33 -2.74 5.89 26.22
C GLY A 33 -3.00 7.03 25.27
N PHE A 34 -3.46 6.73 24.05
CA PHE A 34 -3.70 7.80 23.08
C PHE A 34 -4.80 8.77 23.47
N ILE A 35 -4.37 9.90 24.02
CA ILE A 35 -5.27 10.94 24.46
C ILE A 35 -5.61 11.75 23.20
N GLU A 36 -6.87 12.12 23.07
CA GLU A 36 -7.35 12.97 21.98
C GLU A 36 -8.26 13.95 22.72
N ALA A 37 -8.04 15.26 22.56
CA ALA A 37 -8.85 16.28 23.26
C ALA A 37 -8.79 17.67 22.64
N GLU A 38 -9.79 18.50 22.95
CA GLU A 38 -9.86 19.88 22.46
C GLU A 38 -10.97 20.64 23.21
N VAL A 39 -11.07 21.95 23.01
CA VAL A 39 -12.11 22.73 23.70
C VAL A 39 -13.40 22.92 22.87
N ILE A 40 -14.53 22.48 23.42
CA ILE A 40 -15.82 22.57 22.77
C ILE A 40 -16.59 23.74 23.42
N PRO A 41 -16.97 24.76 22.63
CA PRO A 41 -17.69 25.96 23.09
C PRO A 41 -18.93 25.76 23.91
N GLN A 42 -19.38 24.51 24.03
CA GLN A 42 -20.58 24.16 24.78
C GLN A 42 -20.56 22.68 25.09
N GLU A 43 -21.17 22.32 26.21
CA GLU A 43 -21.22 20.92 26.58
C GLU A 43 -22.54 20.40 26.03
N THR A 44 -22.53 19.93 24.78
CA THR A 44 -23.76 19.40 24.18
C THR A 44 -23.52 18.27 23.22
N GLY A 45 -24.59 17.51 22.99
CA GLY A 45 -24.53 16.39 22.08
C GLY A 45 -23.99 16.80 20.73
N ARG A 46 -24.47 17.94 20.22
CA ARG A 46 -24.02 18.45 18.93
C ARG A 46 -22.51 18.40 18.88
N GLN A 47 -21.90 18.95 19.94
CA GLN A 47 -20.45 19.00 20.13
C GLN A 47 -19.83 17.64 20.36
N THR A 48 -20.49 16.83 21.18
CA THR A 48 -20.04 15.50 21.50
C THR A 48 -20.17 14.52 20.31
N ALA A 49 -21.13 14.82 19.44
CA ALA A 49 -21.38 14.02 18.24
C ALA A 49 -20.32 14.50 17.25
N LEU A 50 -20.24 15.82 17.08
CA LEU A 50 -19.28 16.46 16.18
C LEU A 50 -17.83 16.11 16.56
N PHE A 51 -17.59 15.75 17.83
CA PHE A 51 -16.26 15.33 18.29
C PHE A 51 -16.05 13.82 17.97
N LEU A 52 -17.02 12.99 18.36
CA LEU A 52 -16.97 11.53 18.14
C LEU A 52 -16.82 11.27 16.64
N LEU A 53 -17.47 12.10 15.84
CA LEU A 53 -17.43 11.98 14.40
C LEU A 53 -16.00 12.25 13.99
N LYS A 54 -15.46 13.38 14.45
CA LYS A 54 -14.08 13.77 14.14
C LYS A 54 -13.11 12.67 14.59
N LEU A 55 -13.50 11.94 15.62
CA LEU A 55 -12.66 10.86 16.09
C LEU A 55 -12.89 9.63 15.22
N ALA A 56 -14.15 9.37 14.89
CA ALA A 56 -14.55 8.22 14.07
C ALA A 56 -13.86 8.22 12.71
N GLY A 57 -13.74 9.41 12.11
CA GLY A 57 -13.11 9.54 10.82
C GLY A 57 -11.59 9.38 10.65
N ARG A 58 -10.93 8.57 11.48
CA ARG A 58 -9.47 8.34 11.34
C ARG A 58 -8.89 7.14 12.13
N TRP A 59 -9.52 6.77 13.23
CA TRP A 59 -9.04 5.64 14.04
C TRP A 59 -9.99 4.46 13.88
N PRO A 60 -9.46 3.22 13.93
CA PRO A 60 -10.29 2.00 13.78
C PRO A 60 -11.10 1.73 15.01
N ILE A 61 -11.85 2.75 15.44
CA ILE A 61 -12.71 2.72 16.63
C ILE A 61 -14.01 1.90 16.48
N THR A 62 -14.42 1.23 17.54
CA THR A 62 -15.64 0.43 17.49
C THR A 62 -16.45 0.45 18.78
N HIS A 63 -15.81 0.81 19.90
CA HIS A 63 -16.48 0.84 21.19
C HIS A 63 -16.25 2.18 21.87
N LEU A 64 -17.32 2.90 22.18
CA LEU A 64 -17.16 4.16 22.90
C LEU A 64 -17.77 3.97 24.29
N HIS A 65 -16.92 3.91 25.32
CA HIS A 65 -17.47 3.79 26.64
C HIS A 65 -17.55 5.20 27.18
N THR A 66 -18.73 5.55 27.65
CA THR A 66 -19.00 6.87 28.17
C THR A 66 -19.57 6.61 29.55
N ASP A 67 -19.89 7.68 30.27
CA ASP A 67 -20.48 7.59 31.58
C ASP A 67 -21.74 8.47 31.49
N ASN A 68 -22.86 7.79 31.22
CA ASN A 68 -24.22 8.35 31.03
C ASN A 68 -24.67 9.73 31.53
N GLY A 69 -24.42 10.75 30.72
CA GLY A 69 -24.82 12.10 31.08
C GLY A 69 -25.57 12.77 29.95
N ALA A 70 -26.38 13.76 30.26
CA ALA A 70 -27.18 14.48 29.27
C ALA A 70 -26.41 14.76 27.99
N ASN A 71 -25.09 14.78 28.10
CA ASN A 71 -24.21 15.03 26.98
C ASN A 71 -24.14 13.84 25.99
N PHE A 72 -23.43 12.79 26.37
CA PHE A 72 -23.23 11.62 25.53
C PHE A 72 -24.41 10.67 25.44
N ALA A 73 -25.62 11.18 25.59
CA ALA A 73 -26.81 10.33 25.52
C ALA A 73 -27.88 11.05 24.73
N SER A 74 -27.43 11.94 23.86
CA SER A 74 -28.29 12.75 23.03
C SER A 74 -28.61 12.02 21.74
N GLN A 75 -29.50 12.60 20.93
CA GLN A 75 -29.83 11.99 19.66
C GLN A 75 -28.68 12.25 18.72
N GLU A 76 -28.03 13.38 18.90
CA GLU A 76 -26.91 13.78 18.07
C GLU A 76 -25.77 12.77 18.09
N VAL A 77 -25.52 12.20 19.26
CA VAL A 77 -24.47 11.19 19.42
C VAL A 77 -25.03 9.79 19.10
N LYS A 78 -26.35 9.72 18.98
CA LYS A 78 -27.02 8.48 18.64
C LYS A 78 -26.74 8.24 17.16
N MET A 79 -27.15 9.19 16.33
CA MET A 79 -26.98 9.12 14.87
C MET A 79 -25.57 8.80 14.42
N VAL A 80 -24.60 9.58 14.91
CA VAL A 80 -23.17 9.43 14.60
C VAL A 80 -22.72 8.02 14.98
N ALA A 81 -22.81 7.70 16.28
CA ALA A 81 -22.40 6.40 16.79
C ALA A 81 -22.80 5.26 15.83
N TRP A 82 -24.09 5.15 15.57
CA TRP A 82 -24.65 4.14 14.66
C TRP A 82 -24.06 4.30 13.27
N TRP A 83 -24.19 5.51 12.71
CA TRP A 83 -23.70 5.84 11.38
C TRP A 83 -22.25 5.39 11.12
N ALA A 84 -21.44 5.34 12.17
CA ALA A 84 -20.04 4.89 12.03
C ALA A 84 -19.87 3.49 12.61
N GLY A 85 -20.91 3.01 13.31
CA GLY A 85 -20.86 1.69 13.88
C GLY A 85 -20.09 1.57 15.17
N ILE A 86 -20.42 2.44 16.12
CA ILE A 86 -19.79 2.46 17.42
C ILE A 86 -20.84 2.15 18.47
N GLU A 87 -20.83 0.92 18.96
CA GLU A 87 -21.82 0.55 19.96
C GLU A 87 -21.43 1.27 21.23
N HIS A 88 -22.32 2.10 21.75
CA HIS A 88 -22.03 2.84 22.97
C HIS A 88 -22.36 2.00 24.19
N THR A 89 -21.71 2.27 25.31
CA THR A 89 -22.01 1.57 26.57
C THR A 89 -21.77 2.53 27.70
N PHE A 90 -22.85 3.03 28.29
CA PHE A 90 -22.76 4.00 29.38
C PHE A 90 -22.24 3.43 30.69
N GLY A 91 -21.61 4.28 31.48
CA GLY A 91 -21.08 3.87 32.76
C GLY A 91 -22.04 4.23 33.89
N GLU A 103 -10.54 9.61 34.69
CA GLU A 103 -9.48 10.42 35.39
C GLU A 103 -8.22 9.62 35.73
N ALA A 104 -7.20 9.87 34.93
CA ALA A 104 -5.89 9.24 35.04
C ALA A 104 -5.19 9.83 33.83
N MET A 105 -5.46 9.25 32.65
CA MET A 105 -4.90 9.75 31.39
C MET A 105 -5.92 10.81 30.92
N ASN A 106 -6.42 11.56 31.91
CA ASN A 106 -7.40 12.63 31.79
C ASN A 106 -7.20 13.52 33.04
N HIS A 107 -6.48 12.96 34.02
CA HIS A 107 -6.13 13.65 35.27
C HIS A 107 -4.80 14.33 34.96
N HIS A 108 -3.88 13.55 34.42
CA HIS A 108 -2.59 14.05 34.03
C HIS A 108 -2.74 14.95 32.80
N LEU A 109 -3.99 15.18 32.40
CA LEU A 109 -4.31 16.06 31.29
C LEU A 109 -4.21 17.47 31.87
N LYS A 110 -4.75 17.65 33.06
CA LYS A 110 -4.75 18.92 33.77
C LYS A 110 -3.33 19.15 34.31
N ASN A 111 -2.73 18.06 34.77
CA ASN A 111 -1.38 18.12 35.31
C ASN A 111 -0.38 18.57 34.26
N GLN A 112 -0.11 17.68 33.30
CA GLN A 112 0.84 17.94 32.21
C GLN A 112 0.60 19.28 31.52
N ILE A 113 -0.60 19.83 31.63
CA ILE A 113 -0.85 21.13 31.01
C ILE A 113 -0.14 22.19 31.82
N ASP A 114 -0.21 22.08 33.15
CA ASP A 114 0.43 23.04 34.07
C ASP A 114 1.92 23.18 33.80
N ARG A 115 2.53 22.10 33.29
CA ARG A 115 3.93 22.07 32.93
C ARG A 115 3.99 22.42 31.45
N ILE A 116 3.17 23.40 31.06
CA ILE A 116 3.04 23.86 29.70
C ILE A 116 2.35 25.21 29.73
N ARG A 117 1.42 25.37 30.67
CA ARG A 117 0.60 26.57 30.83
C ARG A 117 1.11 27.91 30.35
N GLU A 118 2.42 28.11 30.41
CA GLU A 118 3.02 29.38 29.98
C GLU A 118 3.29 29.42 28.47
N GLN A 119 3.78 28.31 27.93
CA GLN A 119 4.14 28.22 26.51
C GLN A 119 3.18 28.88 25.55
N ALA A 120 1.91 29.02 25.94
CA ALA A 120 0.94 29.69 25.09
C ALA A 120 -0.25 30.11 25.94
N ASN A 121 -0.83 31.26 25.60
CA ASN A 121 -1.93 31.84 26.36
C ASN A 121 -3.23 31.08 26.53
N SER A 122 -3.95 30.86 25.44
CA SER A 122 -5.25 30.20 25.48
C SER A 122 -5.30 28.75 25.91
N VAL A 123 -6.40 28.43 26.60
CA VAL A 123 -6.71 27.09 27.08
C VAL A 123 -6.86 26.21 25.84
N GLU A 124 -7.46 26.79 24.80
CA GLU A 124 -7.65 26.08 23.55
C GLU A 124 -6.30 25.54 23.12
N THR A 125 -5.44 26.48 22.74
CA THR A 125 -4.09 26.20 22.25
C THR A 125 -3.27 25.37 23.23
N ILE A 126 -3.53 25.60 24.51
CA ILE A 126 -2.82 24.93 25.58
C ILE A 126 -3.22 23.49 25.77
N VAL A 127 -4.50 23.14 25.53
CA VAL A 127 -4.90 21.76 25.70
C VAL A 127 -4.40 20.95 24.52
N LEU A 128 -4.30 21.60 23.35
CA LEU A 128 -3.79 20.92 22.15
C LEU A 128 -2.29 20.70 22.31
N MET A 129 -1.59 21.76 22.71
CA MET A 129 -0.14 21.71 22.93
C MET A 129 0.12 20.56 23.90
N ALA A 130 -0.79 20.41 24.87
CA ALA A 130 -0.70 19.38 25.88
C ALA A 130 -0.73 17.97 25.32
N VAL A 131 -1.63 17.72 24.36
CA VAL A 131 -1.75 16.37 23.81
C VAL A 131 -0.55 15.98 22.97
N HIS A 132 0.21 16.98 22.53
CA HIS A 132 1.41 16.73 21.75
C HIS A 132 2.48 16.13 22.66
N CYS A 133 2.79 16.86 23.72
CA CYS A 133 3.80 16.46 24.70
C CYS A 133 3.38 15.12 25.24
N MET A 134 2.09 15.07 25.59
CA MET A 134 1.43 13.90 26.12
C MET A 134 1.56 12.65 25.21
N ASN A 135 1.37 12.86 23.90
CA ASN A 135 1.44 11.78 22.92
C ASN A 135 2.83 11.31 22.53
N HIS A 136 3.86 12.12 22.80
CA HIS A 136 5.22 11.75 22.44
C HIS A 136 6.22 11.86 23.60
N LYS A 137 6.14 10.90 24.54
CA LYS A 137 6.98 10.78 25.75
C LYS A 137 7.01 9.30 26.20
N ARG A 138 8.05 8.56 25.80
CA ARG A 138 8.14 7.12 26.08
C ARG A 138 8.07 6.57 27.49
N ARG A 139 7.73 5.29 27.56
CA ARG A 139 7.56 4.63 28.84
C ARG A 139 8.54 3.49 29.13
N GLY A 140 9.41 3.73 30.13
CA GLY A 140 10.39 2.75 30.57
C GLY A 140 11.23 2.18 29.45
N GLY A 141 11.17 0.86 29.28
CA GLY A 141 11.93 0.20 28.24
C GLY A 141 11.38 -1.20 28.00
N ILE A 142 12.12 -2.03 27.26
CA ILE A 142 11.74 -3.42 26.94
C ILE A 142 10.31 -3.47 26.39
N GLY A 143 9.86 -2.35 25.85
CA GLY A 143 8.52 -2.19 25.30
C GLY A 143 8.30 -0.70 25.46
N ASP A 144 9.37 0.00 25.13
CA ASP A 144 9.55 1.45 25.22
C ASP A 144 8.72 2.36 24.30
N MET A 145 7.47 2.02 24.08
CA MET A 145 6.62 2.80 23.19
C MET A 145 6.00 4.02 23.83
N THR A 146 6.11 5.15 23.14
CA THR A 146 5.52 6.41 23.58
C THR A 146 4.01 6.14 23.41
N PRO A 147 3.13 7.07 23.86
CA PRO A 147 1.71 6.74 23.67
C PRO A 147 1.42 6.53 22.17
N ALA A 148 1.63 7.57 21.37
CA ALA A 148 1.38 7.51 19.94
C ALA A 148 1.99 6.32 19.22
N GLU A 149 3.28 6.06 19.37
CA GLU A 149 3.90 4.94 18.66
C GLU A 149 3.30 3.58 18.99
N ARG A 150 2.89 3.39 20.23
CA ARG A 150 2.28 2.13 20.64
C ARG A 150 0.91 1.88 20.01
N LEU A 151 0.10 2.93 19.90
CA LEU A 151 -1.23 2.82 19.30
C LEU A 151 -1.11 2.17 17.94
N ILE A 152 -0.18 2.68 17.11
CA ILE A 152 0.03 2.15 15.77
C ILE A 152 0.54 0.70 15.77
N ASN A 153 1.26 0.32 16.83
CA ASN A 153 1.80 -1.04 17.00
C ASN A 153 0.64 -1.98 17.37
N MET A 154 -0.39 -1.42 18.02
CA MET A 154 -1.55 -2.20 18.40
C MET A 154 -2.54 -2.36 17.22
N ILE A 155 -2.85 -1.26 16.53
CA ILE A 155 -3.74 -1.30 15.38
C ILE A 155 -3.18 -2.27 14.34
N THR A 156 -1.98 -1.95 13.86
CA THR A 156 -1.25 -2.74 12.87
C THR A 156 -1.14 -4.23 13.22
N THR A 157 -0.99 -4.54 14.51
CA THR A 157 -0.86 -5.93 14.95
C THR A 157 -2.13 -6.70 14.63
N GLU A 158 -3.28 -6.05 14.78
CA GLU A 158 -4.57 -6.68 14.46
C GLU A 158 -4.51 -7.14 13.01
N GLN A 159 -4.25 -6.19 12.12
CA GLN A 159 -4.13 -6.45 10.70
C GLN A 159 -3.10 -7.53 10.40
N GLU A 160 -1.93 -7.46 11.05
CA GLU A 160 -0.87 -8.45 10.86
C GLU A 160 -1.29 -9.91 11.09
N ILE A 161 -2.55 -10.10 11.49
CA ILE A 161 -3.16 -11.41 11.74
C ILE A 161 -3.48 -12.10 10.38
N GLN A 162 -3.90 -11.29 9.40
CA GLN A 162 -4.18 -11.76 8.04
C GLN A 162 -5.29 -12.79 7.87
N PHE A 163 -5.62 -13.03 6.61
CA PHE A 163 -6.60 -13.98 6.15
C PHE A 163 -5.88 -14.92 5.16
N GLN A 164 -4.94 -15.71 5.68
CA GLN A 164 -4.19 -16.65 4.85
C GLN A 164 -5.09 -17.75 4.31
N ASN B 6 5.18 7.11 -2.29
CA ASN B 6 6.65 7.16 -2.54
C ASN B 6 7.28 8.43 -1.97
N SER B 7 6.47 9.25 -1.30
CA SER B 7 6.98 10.48 -0.71
C SER B 7 7.60 10.15 0.67
N ASP B 8 7.73 11.12 1.57
CA ASP B 8 8.32 10.86 2.89
C ASP B 8 7.32 10.88 4.03
N LEU B 9 7.51 9.91 4.92
CA LEU B 9 6.68 9.67 6.10
C LEU B 9 5.96 10.84 6.77
N GLY B 10 6.60 12.00 6.90
CA GLY B 10 5.95 13.11 7.56
C GLY B 10 5.76 14.40 6.81
N THR B 11 5.74 14.33 5.48
CA THR B 11 5.59 15.54 4.69
C THR B 11 4.15 15.89 4.29
N TRP B 12 3.46 16.64 5.12
CA TRP B 12 2.07 17.02 4.85
C TRP B 12 1.89 18.23 3.91
N GLN B 13 0.64 18.56 3.62
CA GLN B 13 0.31 19.67 2.74
C GLN B 13 -1.08 20.20 3.11
N MET B 14 -1.13 21.46 3.54
CA MET B 14 -2.36 22.10 4.02
C MET B 14 -3.02 23.02 3.05
N ASP B 15 -4.19 22.59 2.61
CA ASP B 15 -4.98 23.35 1.66
C ASP B 15 -5.92 24.28 2.46
N CYS B 16 -6.69 25.10 1.76
CA CYS B 16 -7.67 25.96 2.43
C CYS B 16 -8.72 26.39 1.43
N THR B 17 -9.92 25.79 1.48
CA THR B 17 -11.02 26.13 0.55
C THR B 17 -12.35 26.31 1.25
N HIS B 18 -13.30 26.98 0.60
CA HIS B 18 -14.62 27.18 1.19
C HIS B 18 -15.74 26.51 0.38
N LEU B 19 -16.82 26.14 1.05
CA LEU B 19 -17.94 25.49 0.37
C LEU B 19 -19.25 25.73 1.12
N GLU B 20 -20.27 26.08 0.34
CA GLU B 20 -21.60 26.41 0.84
C GLU B 20 -21.55 27.73 1.60
N GLY B 21 -20.35 28.28 1.73
CA GLY B 21 -20.14 29.53 2.43
C GLY B 21 -19.14 29.48 3.59
N LYS B 22 -18.94 28.27 4.13
CA LYS B 22 -18.06 28.04 5.26
C LYS B 22 -16.62 27.69 4.86
N ILE B 23 -15.65 28.11 5.67
CA ILE B 23 -14.23 27.85 5.40
C ILE B 23 -13.91 26.41 5.81
N VAL B 24 -13.11 25.74 5.00
CA VAL B 24 -12.76 24.38 5.32
C VAL B 24 -11.27 24.20 5.17
N ILE B 25 -10.57 24.06 6.29
CA ILE B 25 -9.12 23.87 6.22
C ILE B 25 -8.97 22.39 5.92
N VAL B 26 -7.88 22.03 5.27
CA VAL B 26 -7.67 20.64 4.88
C VAL B 26 -6.19 20.27 5.03
N ALA B 27 -5.91 18.99 5.23
CA ALA B 27 -4.55 18.52 5.42
C ALA B 27 -4.40 17.14 4.82
N VAL B 28 -3.63 17.03 3.75
CA VAL B 28 -3.44 15.76 3.05
C VAL B 28 -2.09 15.11 3.28
N HIS B 29 -2.07 13.92 3.87
CA HIS B 29 -0.80 13.24 4.04
C HIS B 29 -0.37 12.86 2.62
N VAL B 30 0.39 13.73 1.98
CA VAL B 30 0.88 13.57 0.60
C VAL B 30 1.08 12.16 0.03
N ALA B 31 1.84 11.29 0.71
CA ALA B 31 2.12 9.94 0.19
C ALA B 31 1.10 8.80 0.36
N SER B 32 0.07 9.06 1.15
CA SER B 32 -0.96 8.07 1.41
C SER B 32 -2.28 8.68 1.07
N GLY B 33 -2.24 9.94 0.68
CA GLY B 33 -3.45 10.64 0.30
C GLY B 33 -4.47 10.81 1.40
N PHE B 34 -4.16 10.25 2.56
CA PHE B 34 -5.02 10.36 3.74
C PHE B 34 -5.38 11.87 3.83
N ILE B 35 -6.50 12.21 4.44
CA ILE B 35 -6.90 13.60 4.52
C ILE B 35 -7.34 13.95 5.93
N GLU B 36 -7.29 15.23 6.24
CA GLU B 36 -7.71 15.77 7.54
C GLU B 36 -8.39 17.09 7.18
N ALA B 37 -9.52 17.41 7.79
CA ALA B 37 -10.21 18.65 7.43
C ALA B 37 -11.11 19.12 8.54
N GLU B 38 -11.49 20.39 8.47
CA GLU B 38 -12.35 21.00 9.47
C GLU B 38 -12.94 22.28 8.90
N VAL B 39 -13.96 22.78 9.57
CA VAL B 39 -14.68 23.97 9.15
C VAL B 39 -14.32 25.20 9.97
N ILE B 40 -13.04 25.57 9.95
CA ILE B 40 -12.57 26.72 10.72
C ILE B 40 -13.36 28.00 10.42
N PRO B 41 -13.77 28.74 11.48
CA PRO B 41 -14.54 29.99 11.45
C PRO B 41 -14.14 31.07 10.44
N GLN B 42 -12.86 31.43 10.38
CA GLN B 42 -12.36 32.45 9.44
C GLN B 42 -10.93 32.10 9.03
N GLU B 43 -10.44 32.72 7.95
CA GLU B 43 -9.06 32.49 7.51
C GLU B 43 -8.08 33.40 8.29
N THR B 44 -8.03 33.19 9.60
CA THR B 44 -7.16 33.94 10.50
C THR B 44 -5.98 33.04 10.74
N GLY B 45 -4.88 33.61 11.24
CA GLY B 45 -3.69 32.83 11.49
C GLY B 45 -3.90 31.83 12.61
N ARG B 46 -4.71 32.25 13.57
CA ARG B 46 -5.04 31.43 14.74
C ARG B 46 -5.49 30.05 14.31
N GLN B 47 -6.60 30.03 13.57
CA GLN B 47 -7.24 28.82 13.09
C GLN B 47 -6.35 27.87 12.31
N THR B 48 -5.42 28.41 11.53
CA THR B 48 -4.51 27.57 10.76
C THR B 48 -3.42 27.01 11.69
N ALA B 49 -2.87 27.88 12.54
CA ALA B 49 -1.85 27.47 13.48
C ALA B 49 -2.40 26.39 14.39
N LEU B 50 -3.57 26.69 14.95
CA LEU B 50 -4.29 25.78 15.84
C LEU B 50 -4.60 24.41 15.18
N PHE B 51 -4.92 24.41 13.88
CA PHE B 51 -5.20 23.17 13.15
C PHE B 51 -3.89 22.39 12.92
N LEU B 52 -2.86 23.13 12.55
CA LEU B 52 -1.52 22.57 12.33
C LEU B 52 -1.03 21.97 13.66
N LEU B 53 -1.43 22.57 14.77
CA LEU B 53 -1.05 22.07 16.06
C LEU B 53 -1.74 20.72 16.31
N LYS B 54 -2.92 20.55 15.70
CA LYS B 54 -3.71 19.31 15.83
C LYS B 54 -3.29 18.10 15.01
N LEU B 55 -2.47 18.28 13.97
CA LEU B 55 -1.98 17.13 13.20
C LEU B 55 -0.82 16.53 13.99
N ALA B 56 0.11 17.42 14.35
CA ALA B 56 1.32 17.09 15.09
C ALA B 56 1.02 16.32 16.37
N GLY B 57 -0.14 16.59 16.97
CA GLY B 57 -0.52 15.89 18.18
C GLY B 57 -0.66 14.39 17.92
N ARG B 58 -1.17 14.06 16.72
CA ARG B 58 -1.40 12.67 16.35
C ARG B 58 -0.48 12.04 15.31
N TRP B 59 -0.04 12.79 14.30
CA TRP B 59 0.83 12.24 13.24
C TRP B 59 2.19 12.92 13.20
N PRO B 60 3.19 12.27 12.57
CA PRO B 60 4.56 12.79 12.44
C PRO B 60 4.58 13.86 11.35
N ILE B 61 4.77 15.12 11.73
CA ILE B 61 4.80 16.18 10.74
C ILE B 61 6.16 16.88 10.77
N THR B 62 6.93 16.66 9.72
CA THR B 62 8.25 17.26 9.59
C THR B 62 8.24 18.44 8.63
N HIS B 63 7.65 18.26 7.45
CA HIS B 63 7.61 19.34 6.44
C HIS B 63 6.16 19.78 6.21
N LEU B 64 5.96 20.83 5.43
CA LEU B 64 4.61 21.33 5.17
C LEU B 64 4.47 22.17 3.91
N HIS B 65 4.03 21.59 2.81
CA HIS B 65 3.80 22.38 1.60
C HIS B 65 2.60 23.24 2.00
N THR B 66 2.45 24.44 1.45
CA THR B 66 1.36 25.30 1.85
C THR B 66 1.29 26.52 0.94
N ASP B 67 0.14 27.18 0.89
CA ASP B 67 0.02 28.40 0.08
C ASP B 67 0.89 29.44 0.77
N ASN B 68 1.49 30.33 0.00
CA ASN B 68 2.33 31.37 0.60
C ASN B 68 1.49 32.60 0.93
N GLY B 69 0.25 32.34 1.36
CA GLY B 69 -0.65 33.41 1.77
C GLY B 69 -0.42 33.54 3.26
N ALA B 70 -1.27 34.28 3.97
CA ALA B 70 -1.10 34.41 5.42
C ALA B 70 -1.32 33.06 6.15
N ASN B 71 -1.13 31.96 5.41
CA ASN B 71 -1.28 30.60 5.92
C ASN B 71 -0.01 30.43 6.76
N PHE B 72 1.14 30.48 6.10
CA PHE B 72 2.43 30.39 6.79
C PHE B 72 2.72 31.81 7.25
N ALA B 73 2.09 32.77 6.59
CA ALA B 73 2.28 34.16 6.93
C ALA B 73 1.53 34.59 8.18
N SER B 74 1.49 33.70 9.16
CA SER B 74 0.86 33.98 10.43
C SER B 74 2.02 33.96 11.41
N GLN B 75 2.03 34.88 12.36
CA GLN B 75 3.10 34.88 13.32
C GLN B 75 2.96 33.58 14.09
N GLU B 76 1.72 33.32 14.51
CA GLU B 76 1.33 32.13 15.26
C GLU B 76 1.73 30.78 14.67
N VAL B 77 1.52 30.58 13.36
CA VAL B 77 1.90 29.31 12.74
C VAL B 77 3.41 29.08 12.88
N LYS B 78 4.17 30.16 12.72
CA LYS B 78 5.63 30.12 12.84
C LYS B 78 5.89 29.72 14.25
N MET B 79 5.21 30.41 15.15
CA MET B 79 5.32 30.17 16.58
C MET B 79 5.10 28.68 16.89
N VAL B 80 4.24 28.02 16.10
CA VAL B 80 3.92 26.59 16.26
C VAL B 80 4.81 25.69 15.40
N ALA B 81 5.29 26.22 14.27
CA ALA B 81 6.15 25.47 13.36
C ALA B 81 7.37 24.95 14.06
N TRP B 82 7.99 25.82 14.87
CA TRP B 82 9.18 25.50 15.65
C TRP B 82 8.85 24.67 16.89
N TRP B 83 7.77 25.04 17.58
CA TRP B 83 7.36 24.33 18.79
C TRP B 83 7.27 22.84 18.54
N ALA B 84 6.68 22.45 17.42
CA ALA B 84 6.56 21.04 17.11
C ALA B 84 7.78 20.55 16.32
N GLY B 85 8.12 21.24 15.24
CA GLY B 85 9.26 20.86 14.42
C GLY B 85 8.94 20.67 12.93
N ILE B 86 8.25 21.63 12.33
CA ILE B 86 7.88 21.56 10.93
C ILE B 86 8.71 22.54 10.05
N GLU B 87 8.38 22.66 8.76
CA GLU B 87 9.12 23.54 7.85
C GLU B 87 8.26 24.34 6.85
N HIS B 88 8.53 24.17 5.54
CA HIS B 88 7.82 24.77 4.39
C HIS B 88 8.52 24.29 3.11
N THR B 89 7.79 23.61 2.22
CA THR B 89 8.42 23.10 0.99
C THR B 89 7.54 23.01 -0.26
N PHE B 90 8.16 22.48 -1.31
CA PHE B 90 7.56 22.30 -2.64
C PHE B 90 6.10 21.90 -2.76
N GLY B 91 5.21 22.89 -2.74
CA GLY B 91 3.79 22.64 -2.87
C GLY B 91 3.26 23.04 -4.25
N GLU B 103 -5.90 20.62 -7.63
CA GLU B 103 -6.43 20.52 -6.23
C GLU B 103 -7.21 19.25 -6.02
N ALA B 104 -6.65 18.13 -6.47
CA ALA B 104 -7.29 16.84 -6.36
C ALA B 104 -8.07 16.64 -5.06
N MET B 105 -7.35 16.58 -3.94
CA MET B 105 -7.96 16.34 -2.64
C MET B 105 -9.09 17.23 -2.18
N ASN B 106 -8.98 18.53 -2.40
CA ASN B 106 -10.05 19.42 -2.01
C ASN B 106 -11.25 19.11 -2.91
N HIS B 107 -10.99 18.98 -4.21
CA HIS B 107 -12.04 18.68 -5.18
C HIS B 107 -12.56 17.26 -5.04
N HIS B 108 -11.86 16.43 -4.27
CA HIS B 108 -12.30 15.06 -4.03
C HIS B 108 -13.25 15.10 -2.84
N LEU B 109 -12.81 15.77 -1.77
CA LEU B 109 -13.59 15.95 -0.55
C LEU B 109 -14.87 16.67 -0.95
N LYS B 110 -14.77 17.51 -1.98
CA LYS B 110 -15.92 18.26 -2.49
C LYS B 110 -16.92 17.37 -3.25
N ASN B 111 -16.41 16.43 -4.02
CA ASN B 111 -17.27 15.51 -4.75
C ASN B 111 -17.84 14.53 -3.71
N GLN B 112 -17.04 14.18 -2.71
CA GLN B 112 -17.45 13.25 -1.65
C GLN B 112 -18.58 13.85 -0.85
N ILE B 113 -18.61 15.16 -0.71
CA ILE B 113 -19.68 15.81 0.01
C ILE B 113 -20.97 15.66 -0.80
N ASP B 114 -20.93 16.17 -2.04
CA ASP B 114 -22.07 16.14 -2.95
C ASP B 114 -22.88 14.85 -3.06
N ARG B 115 -22.26 13.74 -2.68
CA ARG B 115 -22.93 12.45 -2.71
C ARG B 115 -23.54 12.12 -1.35
N ILE B 116 -22.77 12.25 -0.27
CA ILE B 116 -23.32 11.96 1.05
C ILE B 116 -24.01 13.23 1.57
N ARG B 117 -24.05 14.23 0.71
CA ARG B 117 -24.63 15.54 1.01
C ARG B 117 -26.04 15.62 1.58
N GLU B 118 -26.67 14.50 1.90
CA GLU B 118 -27.99 14.59 2.45
C GLU B 118 -28.03 14.17 3.91
N GLN B 119 -27.24 13.16 4.26
CA GLN B 119 -27.21 12.61 5.62
C GLN B 119 -27.25 13.62 6.76
N ALA B 120 -26.34 14.58 6.69
CA ALA B 120 -26.25 15.60 7.71
C ALA B 120 -26.71 16.89 7.10
N ASN B 121 -27.30 17.77 7.90
CA ASN B 121 -27.79 19.06 7.41
C ASN B 121 -26.65 20.04 7.11
N SER B 122 -25.72 20.16 8.03
CA SER B 122 -24.60 21.09 7.98
C SER B 122 -23.29 20.66 7.32
N VAL B 123 -22.42 21.65 7.15
CA VAL B 123 -21.09 21.46 6.56
C VAL B 123 -20.16 20.99 7.68
N GLU B 124 -20.22 21.68 8.82
CA GLU B 124 -19.42 21.35 9.97
C GLU B 124 -19.45 19.84 10.20
N THR B 125 -20.60 19.23 9.90
CA THR B 125 -20.78 17.79 10.05
C THR B 125 -20.51 17.01 8.77
N ILE B 126 -20.93 17.57 7.64
CA ILE B 126 -20.75 16.87 6.38
C ILE B 126 -19.30 16.80 5.90
N VAL B 127 -18.53 17.84 6.18
CA VAL B 127 -17.14 17.87 5.77
C VAL B 127 -16.37 16.81 6.57
N LEU B 128 -16.91 16.45 7.74
CA LEU B 128 -16.31 15.44 8.60
C LEU B 128 -16.83 14.09 8.16
N MET B 129 -18.10 14.07 7.77
CA MET B 129 -18.74 12.83 7.31
C MET B 129 -17.94 12.42 6.08
N ALA B 130 -17.70 13.40 5.22
CA ALA B 130 -16.95 13.21 3.99
C ALA B 130 -15.60 12.55 4.26
N VAL B 131 -14.84 13.14 5.17
CA VAL B 131 -13.52 12.63 5.51
C VAL B 131 -13.56 11.20 6.02
N HIS B 132 -14.65 10.80 6.68
CA HIS B 132 -14.72 9.42 7.15
C HIS B 132 -14.72 8.51 5.93
N CYS B 133 -15.60 8.83 4.98
CA CYS B 133 -15.71 8.04 3.78
C CYS B 133 -14.41 8.02 2.98
N MET B 134 -13.78 9.18 2.79
CA MET B 134 -12.57 9.24 2.00
C MET B 134 -11.39 8.45 2.56
N ASN B 135 -11.35 8.32 3.89
CA ASN B 135 -10.27 7.59 4.52
C ASN B 135 -10.47 6.09 4.39
N HIS B 136 -11.65 5.72 3.91
CA HIS B 136 -12.00 4.32 3.71
C HIS B 136 -12.72 4.12 2.33
N LYS B 137 -12.00 4.51 1.27
CA LYS B 137 -12.41 4.40 -0.14
C LYS B 137 -11.30 3.53 -0.71
N ARG B 138 -11.30 2.27 -0.27
CA ARG B 138 -10.34 1.21 -0.64
C ARG B 138 -9.41 1.24 -1.88
N ARG B 139 -9.58 2.10 -2.86
CA ARG B 139 -8.63 2.01 -3.97
C ARG B 139 -7.23 2.31 -3.47
N GLY B 140 -6.29 1.44 -3.84
CA GLY B 140 -4.92 1.61 -3.41
C GLY B 140 -3.91 1.42 -4.52
N GLY B 141 -2.95 2.34 -4.57
CA GLY B 141 -1.90 2.30 -5.59
C GLY B 141 -1.01 1.08 -5.54
N ILE B 142 -1.19 0.23 -4.52
CA ILE B 142 -0.42 -1.00 -4.32
C ILE B 142 -1.05 -1.71 -3.11
N GLY B 143 -1.65 -2.89 -3.32
CA GLY B 143 -2.30 -3.57 -2.20
C GLY B 143 -3.61 -2.86 -1.90
N ASP B 144 -4.55 -3.54 -1.26
CA ASP B 144 -5.84 -2.93 -0.97
C ASP B 144 -5.81 -1.58 -0.23
N MET B 145 -4.72 -1.35 0.50
CA MET B 145 -4.49 -0.11 1.27
C MET B 145 -5.42 1.08 1.03
N THR B 146 -6.15 1.48 2.07
CA THR B 146 -6.99 2.67 1.98
C THR B 146 -6.07 3.83 2.43
N PRO B 147 -6.55 5.08 2.34
CA PRO B 147 -5.63 6.14 2.78
C PRO B 147 -5.22 6.02 4.25
N ALA B 148 -6.18 5.66 5.12
CA ALA B 148 -5.92 5.48 6.54
C ALA B 148 -5.02 4.26 6.72
N GLU B 149 -5.49 3.12 6.26
CA GLU B 149 -4.74 1.89 6.31
C GLU B 149 -3.35 2.08 5.70
N ARG B 150 -3.19 3.13 4.89
CA ARG B 150 -1.91 3.41 4.24
C ARG B 150 -0.87 4.09 5.12
N LEU B 151 -1.24 5.17 5.82
CA LEU B 151 -0.23 5.81 6.65
C LEU B 151 0.16 4.94 7.83
N ILE B 152 -0.79 4.28 8.44
CA ILE B 152 -0.47 3.42 9.58
C ILE B 152 0.56 2.36 9.19
N ASN B 153 0.50 1.86 7.96
CA ASN B 153 1.49 0.86 7.54
C ASN B 153 2.82 1.56 7.33
N MET B 154 2.74 2.79 6.80
CA MET B 154 3.90 3.63 6.54
C MET B 154 4.66 3.82 7.88
N ILE B 155 3.96 4.37 8.89
CA ILE B 155 4.50 4.67 10.24
C ILE B 155 5.07 3.48 11.02
N THR B 156 4.39 2.34 11.02
CA THR B 156 4.88 1.16 11.72
C THR B 156 6.28 0.74 11.30
N THR B 157 6.53 0.66 10.00
CA THR B 157 7.84 0.24 9.50
C THR B 157 8.94 1.26 9.78
N GLU B 158 8.74 2.01 10.86
CA GLU B 158 9.68 3.03 11.32
C GLU B 158 10.08 2.72 12.77
N ASN C 6 -15.49 -2.83 -14.70
CA ASN C 6 -14.64 -2.54 -13.51
C ASN C 6 -13.69 -3.70 -13.28
N SER C 7 -12.52 -3.39 -12.71
CA SER C 7 -11.48 -4.38 -12.44
C SER C 7 -10.64 -3.96 -11.23
N ASP C 8 -10.04 -4.95 -10.57
CA ASP C 8 -9.22 -4.72 -9.38
C ASP C 8 -8.20 -5.85 -9.24
N LEU C 9 -7.95 -6.50 -10.37
CA LEU C 9 -7.01 -7.62 -10.43
C LEU C 9 -6.17 -7.48 -11.68
N GLY C 10 -6.76 -6.90 -12.72
CA GLY C 10 -6.05 -6.76 -13.97
C GLY C 10 -5.65 -5.40 -14.51
N THR C 11 -5.92 -4.32 -13.79
CA THR C 11 -5.50 -3.04 -14.32
C THR C 11 -3.99 -2.93 -14.12
N TRP C 12 -3.28 -2.71 -15.21
CA TRP C 12 -1.84 -2.53 -15.20
C TRP C 12 -1.61 -1.11 -15.68
N GLN C 13 -0.41 -0.57 -15.41
CA GLN C 13 -0.06 0.78 -15.82
C GLN C 13 1.31 0.83 -16.52
N MET C 14 1.36 1.47 -17.69
CA MET C 14 2.60 1.57 -18.46
C MET C 14 3.00 3.01 -18.60
N ASP C 15 4.28 3.21 -18.88
CA ASP C 15 4.88 4.52 -19.02
C ASP C 15 6.29 4.24 -19.48
N CYS C 16 7.05 5.28 -19.77
CA CYS C 16 8.42 5.08 -20.22
C CYS C 16 9.42 6.10 -19.67
N THR C 17 10.63 5.62 -19.40
CA THR C 17 11.68 6.48 -18.90
C THR C 17 12.92 6.45 -19.79
N HIS C 18 13.89 7.28 -19.43
CA HIS C 18 15.15 7.33 -20.13
C HIS C 18 16.16 7.09 -19.00
N LEU C 19 17.10 6.17 -19.23
CA LEU C 19 18.09 5.79 -18.21
C LEU C 19 19.46 5.59 -18.86
N GLU C 20 20.42 6.44 -18.49
CA GLU C 20 21.78 6.38 -19.05
C GLU C 20 21.68 6.51 -20.55
N GLY C 21 20.85 7.44 -21.00
CA GLY C 21 20.68 7.66 -22.43
C GLY C 21 20.14 6.44 -23.18
N LYS C 22 19.05 5.90 -22.66
CA LYS C 22 18.37 4.75 -23.22
C LYS C 22 16.92 4.91 -22.80
N ILE C 23 16.02 4.13 -23.40
CA ILE C 23 14.61 4.23 -23.02
C ILE C 23 14.23 2.95 -22.30
N VAL C 24 13.49 3.08 -21.21
CA VAL C 24 13.07 1.93 -20.43
C VAL C 24 11.56 1.99 -20.38
N ILE C 25 10.94 0.85 -20.64
CA ILE C 25 9.50 0.76 -20.61
C ILE C 25 9.21 -0.05 -19.34
N VAL C 26 8.23 0.41 -18.58
CA VAL C 26 7.84 -0.26 -17.35
C VAL C 26 6.32 -0.49 -17.36
N ALA C 27 5.92 -1.63 -16.83
CA ALA C 27 4.51 -1.98 -16.75
C ALA C 27 4.37 -2.46 -15.33
N VAL C 28 3.64 -1.70 -14.52
CA VAL C 28 3.45 -2.06 -13.11
C VAL C 28 2.01 -2.40 -12.83
N HIS C 29 1.78 -3.61 -12.33
CA HIS C 29 0.43 -4.01 -12.00
C HIS C 29 0.00 -3.28 -10.74
N VAL C 30 -0.73 -2.18 -10.90
CA VAL C 30 -1.20 -1.34 -9.80
C VAL C 30 -1.51 -2.00 -8.46
N ALA C 31 -2.64 -2.67 -8.33
CA ALA C 31 -2.98 -3.30 -7.04
C ALA C 31 -2.00 -4.37 -6.53
N SER C 32 -0.86 -4.52 -7.19
CA SER C 32 0.12 -5.50 -6.77
C SER C 32 1.58 -5.04 -6.87
N GLY C 33 1.82 -3.89 -7.51
CA GLY C 33 3.17 -3.38 -7.66
C GLY C 33 4.22 -4.33 -8.24
N PHE C 34 3.78 -5.28 -9.07
CA PHE C 34 4.67 -6.24 -9.70
C PHE C 34 5.23 -5.52 -10.92
N ILE C 35 6.55 -5.52 -11.05
CA ILE C 35 7.22 -4.83 -12.14
C ILE C 35 7.51 -5.74 -13.32
N GLU C 36 7.71 -5.11 -14.47
CA GLU C 36 8.02 -5.77 -15.72
C GLU C 36 8.63 -4.61 -16.50
N ALA C 37 9.93 -4.67 -16.79
CA ALA C 37 10.62 -3.60 -17.50
C ALA C 37 11.66 -4.11 -18.48
N GLU C 38 11.89 -3.32 -19.52
CA GLU C 38 12.86 -3.66 -20.56
C GLU C 38 13.27 -2.43 -21.35
N VAL C 39 14.40 -2.55 -22.06
CA VAL C 39 14.93 -1.47 -22.89
C VAL C 39 14.46 -1.66 -24.32
N ILE C 40 13.63 -0.74 -24.79
CA ILE C 40 13.07 -0.79 -26.12
C ILE C 40 13.83 0.24 -26.95
N PRO C 41 14.46 -0.18 -28.06
CA PRO C 41 15.25 0.64 -28.99
C PRO C 41 14.65 2.00 -29.36
N GLN C 42 13.72 2.04 -30.30
CA GLN C 42 13.13 3.32 -30.63
C GLN C 42 11.98 3.45 -29.62
N GLU C 43 11.67 4.66 -29.18
CA GLU C 43 10.54 4.80 -28.27
C GLU C 43 9.30 4.94 -29.17
N THR C 44 9.14 4.03 -30.13
CA THR C 44 8.00 4.09 -31.07
C THR C 44 6.87 3.13 -30.84
N GLY C 45 5.71 3.49 -31.39
CA GLY C 45 4.49 2.69 -31.27
C GLY C 45 4.59 1.19 -31.41
N ARG C 46 5.56 0.72 -32.19
CA ARG C 46 5.74 -0.72 -32.37
C ARG C 46 6.45 -1.38 -31.18
N GLN C 47 7.32 -0.66 -30.49
CA GLN C 47 8.00 -1.26 -29.35
C GLN C 47 7.08 -1.29 -28.14
N THR C 48 6.25 -0.26 -28.02
CA THR C 48 5.29 -0.22 -26.94
C THR C 48 4.29 -1.37 -27.14
N ALA C 49 3.92 -1.60 -28.40
CA ALA C 49 2.97 -2.64 -28.79
C ALA C 49 3.50 -4.04 -28.53
N LEU C 50 4.69 -4.35 -29.01
CA LEU C 50 5.26 -5.66 -28.75
C LEU C 50 5.46 -5.90 -27.26
N PHE C 51 5.76 -4.83 -26.52
CA PHE C 51 5.95 -4.98 -25.08
C PHE C 51 4.61 -5.38 -24.53
N LEU C 52 3.65 -4.47 -24.62
CA LEU C 52 2.29 -4.67 -24.13
C LEU C 52 1.83 -6.10 -24.41
N LEU C 53 2.12 -6.57 -25.62
CA LEU C 53 1.72 -7.90 -26.10
C LEU C 53 2.46 -9.01 -25.41
N LYS C 54 3.80 -8.90 -25.45
CA LYS C 54 4.69 -9.87 -24.84
C LYS C 54 4.28 -10.09 -23.40
N LEU C 55 3.69 -9.04 -22.85
CA LEU C 55 3.22 -9.03 -21.48
C LEU C 55 1.84 -9.71 -21.39
N ALA C 56 0.93 -9.28 -22.25
CA ALA C 56 -0.44 -9.80 -22.29
C ALA C 56 -0.53 -11.31 -22.52
N GLY C 57 0.51 -11.89 -23.12
CA GLY C 57 0.49 -13.32 -23.37
C GLY C 57 1.16 -14.13 -22.28
N ARG C 58 0.88 -13.79 -21.03
CA ARG C 58 1.51 -14.47 -19.89
C ARG C 58 0.72 -14.24 -18.61
N TRP C 59 0.34 -13.00 -18.36
CA TRP C 59 -0.42 -12.66 -17.18
C TRP C 59 -1.75 -12.19 -17.70
N PRO C 60 -2.85 -12.53 -16.99
CA PRO C 60 -4.19 -12.13 -17.40
C PRO C 60 -4.41 -10.61 -17.31
N ILE C 61 -3.75 -9.85 -18.16
CA ILE C 61 -3.91 -8.40 -18.10
C ILE C 61 -5.31 -7.95 -18.58
N THR C 62 -6.07 -7.37 -17.66
CA THR C 62 -7.40 -6.91 -17.97
C THR C 62 -7.38 -5.58 -18.66
N HIS C 63 -7.15 -4.53 -17.88
CA HIS C 63 -7.14 -3.14 -18.36
C HIS C 63 -5.71 -2.57 -18.39
N LEU C 64 -5.54 -1.41 -19.01
CA LEU C 64 -4.23 -0.73 -19.09
C LEU C 64 -4.43 0.76 -18.96
N HIS C 65 -3.37 1.50 -18.65
CA HIS C 65 -3.48 2.94 -18.51
C HIS C 65 -2.17 3.62 -18.90
N THR C 66 -2.24 4.84 -19.43
CA THR C 66 -1.04 5.57 -19.85
C THR C 66 -1.33 7.02 -20.30
N ASP C 67 -0.27 7.74 -20.66
CA ASP C 67 -0.36 9.09 -21.20
C ASP C 67 -0.56 8.80 -22.70
N ASN C 68 -0.35 9.78 -23.58
CA ASN C 68 -0.52 9.54 -25.01
C ASN C 68 0.77 9.83 -25.75
N GLY C 69 0.88 9.31 -26.96
CA GLY C 69 2.06 9.55 -27.78
C GLY C 69 2.62 8.33 -28.48
N ALA C 70 3.16 7.41 -27.70
CA ALA C 70 3.73 6.17 -28.23
C ALA C 70 2.83 5.05 -27.75
N ASN C 71 2.32 5.21 -26.53
CA ASN C 71 1.44 4.24 -25.95
C ASN C 71 0.12 4.19 -26.68
N PHE C 72 -0.62 5.29 -26.69
CA PHE C 72 -1.93 5.24 -27.31
C PHE C 72 -2.28 5.71 -28.70
N ALA C 73 -1.63 6.73 -29.21
CA ALA C 73 -1.96 7.15 -30.57
C ALA C 73 -1.57 5.99 -31.47
N SER C 74 -0.45 5.37 -31.14
CA SER C 74 0.11 4.23 -31.85
C SER C 74 -0.96 3.24 -32.22
N GLN C 75 -1.36 3.20 -33.48
CA GLN C 75 -2.40 2.25 -33.89
C GLN C 75 -1.85 0.83 -33.80
N GLU C 76 -0.53 0.71 -33.76
CA GLU C 76 0.13 -0.57 -33.65
C GLU C 76 -0.31 -1.11 -32.30
N VAL C 77 -0.33 -0.23 -31.31
CA VAL C 77 -0.79 -0.63 -29.99
C VAL C 77 -2.30 -0.84 -30.07
N LYS C 78 -2.98 0.02 -30.84
CA LYS C 78 -4.41 -0.08 -31.01
C LYS C 78 -4.78 -1.50 -31.38
N MET C 79 -4.18 -2.00 -32.44
CA MET C 79 -4.48 -3.36 -32.88
C MET C 79 -4.14 -4.38 -31.79
N VAL C 80 -2.91 -4.31 -31.28
CA VAL C 80 -2.46 -5.26 -30.27
C VAL C 80 -3.18 -5.19 -28.90
N ALA C 81 -3.93 -4.12 -28.67
CA ALA C 81 -4.70 -4.01 -27.44
C ALA C 81 -6.14 -4.50 -27.76
N TRP C 82 -6.55 -4.39 -29.04
CA TRP C 82 -7.86 -4.82 -29.51
C TRP C 82 -7.86 -6.32 -29.55
N TRP C 83 -6.79 -6.85 -30.14
CA TRP C 83 -6.57 -8.29 -30.27
C TRP C 83 -6.70 -9.03 -28.93
N ALA C 84 -5.93 -8.63 -27.93
CA ALA C 84 -5.98 -9.29 -26.64
C ALA C 84 -7.05 -8.77 -25.66
N GLY C 85 -7.61 -7.59 -25.91
CA GLY C 85 -8.64 -7.08 -25.02
C GLY C 85 -8.22 -6.23 -23.82
N ILE C 86 -7.42 -5.19 -24.06
CA ILE C 86 -6.94 -4.26 -23.03
C ILE C 86 -8.06 -3.22 -22.85
N GLU C 87 -7.76 -1.97 -22.49
CA GLU C 87 -8.80 -0.92 -22.28
C GLU C 87 -8.14 0.21 -21.46
N HIS C 88 -8.50 1.50 -21.64
CA HIS C 88 -7.88 2.56 -20.80
C HIS C 88 -8.78 3.75 -20.35
N THR C 89 -9.06 3.87 -19.06
CA THR C 89 -9.93 4.98 -18.58
C THR C 89 -9.44 5.75 -17.35
N PHE C 90 -10.36 6.23 -16.51
CA PHE C 90 -10.04 7.04 -15.32
C PHE C 90 -9.23 6.46 -14.15
N GLY C 91 -8.29 7.28 -13.71
CA GLY C 91 -7.38 6.98 -12.63
C GLY C 91 -6.34 8.08 -12.72
N VAL C 102 -0.28 8.94 -9.88
CA VAL C 102 1.10 9.31 -10.31
C VAL C 102 2.00 8.06 -10.37
N GLU C 103 2.94 8.05 -11.32
CA GLU C 103 3.85 6.92 -11.45
C GLU C 103 5.24 7.25 -10.93
N ALA C 104 5.60 6.51 -9.88
CA ALA C 104 6.88 6.60 -9.18
C ALA C 104 7.66 5.30 -9.24
N MET C 105 7.06 4.25 -9.80
CA MET C 105 7.76 2.95 -9.92
C MET C 105 9.05 3.16 -10.69
N ASN C 106 9.04 4.11 -11.61
CA ASN C 106 10.25 4.39 -12.33
C ASN C 106 11.30 4.82 -11.29
N HIS C 107 10.94 5.72 -10.38
CA HIS C 107 11.88 6.20 -9.37
C HIS C 107 12.46 5.05 -8.57
N HIS C 108 11.61 4.12 -8.14
CA HIS C 108 12.10 2.97 -7.38
C HIS C 108 12.96 2.05 -8.25
N LEU C 109 12.58 1.89 -9.52
CA LEU C 109 13.30 1.06 -10.47
C LEU C 109 14.67 1.66 -10.73
N LYS C 110 14.71 2.98 -10.86
CA LYS C 110 15.96 3.69 -11.11
C LYS C 110 16.85 3.55 -9.90
N ASN C 111 16.23 3.63 -8.73
CA ASN C 111 16.93 3.51 -7.47
C ASN C 111 17.63 2.16 -7.41
N GLN C 112 16.86 1.08 -7.36
CA GLN C 112 17.41 -0.26 -7.32
C GLN C 112 18.55 -0.38 -8.29
N ILE C 113 18.39 0.18 -9.47
CA ILE C 113 19.44 0.14 -10.46
C ILE C 113 20.65 0.86 -9.88
N ASP C 114 20.45 2.12 -9.47
CA ASP C 114 21.51 2.93 -8.88
C ASP C 114 22.31 2.12 -7.90
N ARG C 115 21.64 1.67 -6.84
CA ARG C 115 22.23 0.86 -5.79
C ARG C 115 23.01 -0.31 -6.34
N ILE C 116 22.57 -0.85 -7.47
CA ILE C 116 23.22 -2.01 -8.04
C ILE C 116 23.87 -1.80 -9.41
N ARG C 117 24.04 -0.53 -9.80
CA ARG C 117 24.60 -0.19 -11.11
C ARG C 117 25.97 -0.87 -11.39
N GLU C 118 26.82 -0.94 -10.37
CA GLU C 118 28.14 -1.56 -10.47
C GLU C 118 28.13 -2.99 -11.02
N GLN C 119 27.15 -3.78 -10.57
CA GLN C 119 26.97 -5.17 -10.92
C GLN C 119 27.15 -5.59 -12.35
N ALA C 120 26.57 -4.84 -13.28
CA ALA C 120 26.68 -5.17 -14.71
C ALA C 120 26.75 -3.91 -15.53
N ASN C 121 27.57 -3.97 -16.57
CA ASN C 121 27.79 -2.83 -17.43
C ASN C 121 26.55 -2.35 -18.16
N SER C 122 26.05 -3.19 -19.04
CA SER C 122 24.89 -2.90 -19.86
C SER C 122 23.63 -2.40 -19.16
N VAL C 123 23.13 -1.25 -19.59
CA VAL C 123 21.91 -0.71 -18.99
C VAL C 123 20.82 -1.75 -19.19
N GLU C 124 20.75 -2.28 -20.41
CA GLU C 124 19.75 -3.30 -20.70
C GLU C 124 19.81 -4.43 -19.67
N THR C 125 21.01 -4.87 -19.33
CA THR C 125 21.17 -5.96 -18.37
C THR C 125 20.90 -5.56 -16.93
N ILE C 126 21.06 -4.29 -16.60
CA ILE C 126 20.82 -3.86 -15.23
C ILE C 126 19.35 -3.59 -14.91
N VAL C 127 18.58 -3.11 -15.88
CA VAL C 127 17.16 -2.88 -15.62
C VAL C 127 16.54 -4.27 -15.36
N LEU C 128 17.17 -5.29 -15.91
CA LEU C 128 16.71 -6.64 -15.68
C LEU C 128 17.02 -7.04 -14.26
N MET C 129 18.28 -6.92 -13.84
CA MET C 129 18.68 -7.24 -12.45
C MET C 129 17.77 -6.55 -11.42
N ALA C 130 17.56 -5.25 -11.59
CA ALA C 130 16.71 -4.44 -10.72
C ALA C 130 15.26 -4.91 -10.69
N VAL C 131 14.77 -5.38 -11.83
CA VAL C 131 13.42 -5.88 -11.95
C VAL C 131 13.30 -7.18 -11.18
N HIS C 132 14.37 -7.97 -11.20
CA HIS C 132 14.37 -9.21 -10.45
C HIS C 132 14.35 -8.79 -8.99
N CYS C 133 15.34 -7.99 -8.59
CA CYS C 133 15.51 -7.50 -7.22
C CYS C 133 14.33 -6.78 -6.57
N MET C 134 13.38 -6.32 -7.37
CA MET C 134 12.21 -5.66 -6.81
C MET C 134 11.15 -6.73 -6.62
N ASN C 135 10.79 -7.41 -7.70
CA ASN C 135 9.79 -8.47 -7.68
C ASN C 135 10.00 -9.47 -6.57
N HIS C 136 11.13 -10.15 -6.62
CA HIS C 136 11.47 -11.15 -5.62
C HIS C 136 12.09 -10.58 -4.34
N LYS C 137 11.57 -9.46 -3.84
CA LYS C 137 12.10 -8.87 -2.60
C LYS C 137 11.04 -8.31 -1.62
N ARG C 138 10.55 -9.23 -0.80
CA ARG C 138 9.53 -9.01 0.24
C ARG C 138 9.67 -7.87 1.23
N ARG C 139 8.98 -6.76 0.97
CA ARG C 139 9.07 -5.66 1.93
C ARG C 139 7.76 -5.62 2.66
N GLY C 140 6.77 -6.27 2.07
CA GLY C 140 5.46 -6.36 2.67
C GLY C 140 4.56 -5.15 2.63
N GLY C 141 3.73 -5.14 3.65
CA GLY C 141 2.73 -4.11 3.83
C GLY C 141 1.65 -5.01 4.37
N ILE C 142 1.82 -5.35 5.65
CA ILE C 142 0.91 -6.23 6.33
C ILE C 142 0.81 -7.57 5.59
N GLY C 143 1.93 -8.00 5.02
CA GLY C 143 1.99 -9.27 4.32
C GLY C 143 3.47 -9.51 4.06
N ASP C 144 3.98 -10.68 4.42
CA ASP C 144 5.40 -10.99 4.22
C ASP C 144 5.89 -10.91 2.76
N MET C 145 5.14 -11.56 1.87
CA MET C 145 5.37 -11.70 0.43
C MET C 145 5.94 -10.60 -0.47
N THR C 146 6.71 -11.06 -1.45
CA THR C 146 7.35 -10.23 -2.46
C THR C 146 6.21 -9.88 -3.43
N PRO C 147 6.35 -8.80 -4.23
CA PRO C 147 5.23 -8.50 -5.15
C PRO C 147 4.94 -9.68 -6.09
N ALA C 148 5.96 -10.44 -6.47
CA ALA C 148 5.72 -11.58 -7.34
C ALA C 148 4.73 -12.52 -6.64
N GLU C 149 4.76 -12.51 -5.31
CA GLU C 149 3.87 -13.34 -4.50
C GLU C 149 2.58 -12.60 -4.21
N ARG C 150 2.63 -11.28 -4.28
CA ARG C 150 1.43 -10.52 -4.02
C ARG C 150 0.54 -10.75 -5.24
N LEU C 151 1.16 -10.68 -6.42
CA LEU C 151 0.46 -10.87 -7.67
C LEU C 151 -0.31 -12.20 -7.64
N ILE C 152 0.44 -13.30 -7.70
CA ILE C 152 -0.15 -14.63 -7.69
C ILE C 152 -1.21 -14.79 -6.60
N ASN C 153 -1.02 -14.14 -5.45
CA ASN C 153 -2.01 -14.23 -4.38
C ASN C 153 -3.34 -13.81 -4.97
N MET C 154 -3.42 -12.56 -5.43
CA MET C 154 -4.68 -12.08 -6.01
C MET C 154 -5.03 -12.88 -7.27
N ILE C 155 -4.19 -12.73 -8.31
CA ILE C 155 -4.40 -13.40 -9.59
C ILE C 155 -4.82 -14.85 -9.47
N THR C 156 -4.46 -15.48 -8.36
CA THR C 156 -4.85 -16.86 -8.10
C THR C 156 -5.63 -16.90 -6.79
N THR C 157 -6.71 -16.12 -6.75
CA THR C 157 -7.60 -16.06 -5.61
C THR C 157 -9.00 -16.41 -6.11
N GLU C 158 -9.14 -16.37 -7.44
CA GLU C 158 -10.38 -16.69 -8.16
C GLU C 158 -10.27 -16.21 -9.61
N ASN D 6 10.54 -36.87 -13.68
CA ASN D 6 9.49 -35.92 -13.20
C ASN D 6 10.21 -34.62 -12.86
N SER D 7 9.60 -33.51 -13.25
CA SER D 7 10.17 -32.19 -12.99
C SER D 7 9.54 -31.63 -11.71
N ASP D 8 9.44 -30.32 -11.62
CA ASP D 8 8.86 -29.66 -10.45
C ASP D 8 8.56 -28.22 -10.86
N LEU D 9 8.18 -27.38 -9.90
CA LEU D 9 7.85 -25.99 -10.19
C LEU D 9 9.06 -25.10 -10.42
N GLY D 10 10.26 -25.66 -10.31
CA GLY D 10 11.44 -24.84 -10.52
C GLY D 10 12.19 -25.07 -11.83
N THR D 11 12.14 -26.30 -12.32
CA THR D 11 12.84 -26.69 -13.54
C THR D 11 12.26 -26.14 -14.84
N TRP D 12 13.13 -25.64 -15.72
CA TRP D 12 12.75 -25.11 -17.03
C TRP D 12 13.71 -25.65 -18.07
N GLN D 13 13.43 -25.37 -19.34
CA GLN D 13 14.25 -25.82 -20.45
C GLN D 13 14.15 -24.79 -21.55
N MET D 14 15.10 -24.80 -22.46
CA MET D 14 15.05 -23.84 -23.57
C MET D 14 15.90 -24.32 -24.73
N ASP D 15 15.77 -23.65 -25.86
CA ASP D 15 16.51 -23.98 -27.06
C ASP D 15 16.27 -22.83 -27.99
N CYS D 16 17.00 -22.80 -29.11
CA CYS D 16 16.87 -21.72 -30.10
C CYS D 16 16.76 -22.27 -31.52
N THR D 17 15.58 -22.19 -32.11
CA THR D 17 15.42 -22.68 -33.47
C THR D 17 15.23 -21.47 -34.37
N HIS D 18 15.43 -21.65 -35.66
CA HIS D 18 15.26 -20.53 -36.57
C HIS D 18 13.78 -20.49 -36.92
N LEU D 19 13.34 -19.37 -37.51
CA LEU D 19 11.96 -19.20 -37.91
C LEU D 19 12.02 -18.23 -39.08
N GLU D 20 11.91 -18.77 -40.29
CA GLU D 20 11.96 -18.00 -41.54
C GLU D 20 13.10 -17.00 -41.55
N GLY D 21 14.33 -17.54 -41.52
CA GLY D 21 15.52 -16.70 -41.50
C GLY D 21 15.92 -16.29 -40.09
N LYS D 22 15.03 -15.58 -39.41
CA LYS D 22 15.29 -15.13 -38.06
C LYS D 22 15.52 -16.30 -37.09
N ILE D 23 16.19 -16.01 -35.97
CA ILE D 23 16.51 -17.00 -34.94
C ILE D 23 15.55 -16.75 -33.77
N VAL D 24 15.13 -17.81 -33.09
CA VAL D 24 14.21 -17.68 -31.96
C VAL D 24 14.61 -18.56 -30.79
N ILE D 25 14.70 -17.92 -29.62
CA ILE D 25 15.03 -18.59 -28.35
C ILE D 25 13.70 -18.84 -27.67
N VAL D 26 13.48 -20.08 -27.28
CA VAL D 26 12.24 -20.47 -26.64
C VAL D 26 12.63 -21.13 -25.35
N ALA D 27 11.74 -21.03 -24.37
CA ALA D 27 11.95 -21.60 -23.06
C ALA D 27 10.58 -21.97 -22.55
N VAL D 28 10.41 -23.23 -22.14
CA VAL D 28 9.12 -23.75 -21.65
C VAL D 28 9.20 -24.41 -20.27
N HIS D 29 8.27 -24.05 -19.38
CA HIS D 29 8.24 -24.63 -18.04
C HIS D 29 7.72 -26.05 -18.08
N VAL D 30 8.63 -27.01 -18.17
CA VAL D 30 8.27 -28.42 -18.24
C VAL D 30 7.09 -28.93 -17.38
N ALA D 31 6.96 -28.45 -16.14
CA ALA D 31 5.88 -28.90 -15.26
C ALA D 31 4.46 -28.75 -15.82
N SER D 32 4.18 -27.60 -16.42
CA SER D 32 2.86 -27.38 -17.02
C SER D 32 3.19 -27.58 -18.47
N GLY D 33 3.02 -26.53 -19.27
CA GLY D 33 3.32 -26.62 -20.69
C GLY D 33 3.45 -25.18 -21.15
N PHE D 34 3.88 -24.34 -20.22
CA PHE D 34 4.06 -22.91 -20.43
C PHE D 34 5.22 -22.65 -21.39
N ILE D 35 4.96 -21.86 -22.42
CA ILE D 35 5.99 -21.52 -23.38
C ILE D 35 6.22 -20.04 -23.25
N GLU D 36 7.48 -19.65 -23.16
CA GLU D 36 7.89 -18.26 -23.08
C GLU D 36 8.86 -18.23 -24.24
N ALA D 37 8.75 -17.20 -25.10
CA ALA D 37 9.65 -17.10 -26.26
C ALA D 37 9.58 -15.72 -26.83
N GLU D 38 10.60 -15.39 -27.60
CA GLU D 38 10.77 -14.09 -28.28
C GLU D 38 11.84 -14.33 -29.37
N VAL D 39 12.21 -13.29 -30.08
CA VAL D 39 13.23 -13.43 -31.11
C VAL D 39 14.52 -12.74 -30.64
N ILE D 40 15.68 -13.32 -30.97
CA ILE D 40 16.98 -12.76 -30.59
C ILE D 40 17.80 -12.54 -31.87
N PRO D 41 18.26 -11.31 -32.09
CA PRO D 41 19.04 -10.89 -33.26
C PRO D 41 20.28 -11.71 -33.62
N GLN D 42 20.82 -12.45 -32.67
CA GLN D 42 21.97 -13.32 -32.94
C GLN D 42 22.05 -14.43 -31.88
N GLU D 43 22.44 -15.63 -32.31
CA GLU D 43 22.52 -16.78 -31.40
C GLU D 43 23.77 -16.72 -30.52
N THR D 44 23.98 -15.57 -29.88
CA THR D 44 25.15 -15.34 -29.02
C THR D 44 25.01 -15.81 -27.57
N GLY D 45 26.09 -15.64 -26.82
CA GLY D 45 26.09 -15.99 -25.41
C GLY D 45 25.40 -14.91 -24.61
N ARG D 46 25.48 -13.68 -25.12
CA ARG D 46 24.86 -12.53 -24.48
C ARG D 46 23.34 -12.66 -24.48
N GLN D 47 22.78 -12.74 -25.69
CA GLN D 47 21.35 -12.85 -25.88
C GLN D 47 20.67 -13.99 -25.12
N THR D 48 21.36 -15.13 -25.01
CA THR D 48 20.84 -16.28 -24.27
C THR D 48 20.69 -15.88 -22.81
N ALA D 49 21.82 -15.50 -22.18
CA ALA D 49 21.85 -15.08 -20.79
C ALA D 49 20.85 -13.95 -20.52
N LEU D 50 20.59 -13.14 -21.54
CA LEU D 50 19.64 -12.04 -21.41
C LEU D 50 18.21 -12.57 -21.35
N PHE D 51 17.95 -13.68 -22.04
CA PHE D 51 16.61 -14.28 -22.01
C PHE D 51 16.40 -15.02 -20.69
N LEU D 52 17.51 -15.35 -20.02
CA LEU D 52 17.47 -16.03 -18.73
C LEU D 52 17.22 -14.98 -17.63
N LEU D 53 17.98 -13.88 -17.67
CA LEU D 53 17.86 -12.80 -16.68
C LEU D 53 16.41 -12.30 -16.56
N LYS D 54 15.79 -12.06 -17.71
CA LYS D 54 14.41 -11.57 -17.79
C LYS D 54 13.45 -12.61 -17.21
N LEU D 55 13.69 -13.86 -17.57
CA LEU D 55 12.90 -14.99 -17.11
C LEU D 55 12.88 -15.06 -15.56
N ALA D 56 14.08 -15.17 -14.97
CA ALA D 56 14.28 -15.27 -13.52
C ALA D 56 13.69 -14.13 -12.67
N GLY D 57 13.64 -12.93 -13.23
CA GLY D 57 13.06 -11.83 -12.47
C GLY D 57 11.54 -11.89 -12.43
N ARG D 58 10.96 -12.82 -13.20
CA ARG D 58 9.51 -12.96 -13.30
C ARG D 58 8.90 -14.23 -12.71
N TRP D 59 9.48 -15.37 -13.08
CA TRP D 59 8.98 -16.66 -12.62
C TRP D 59 10.00 -17.28 -11.66
N PRO D 60 9.59 -18.30 -10.89
CA PRO D 60 10.45 -18.99 -9.92
C PRO D 60 11.28 -20.14 -10.53
N ILE D 61 12.32 -19.79 -11.29
CA ILE D 61 13.19 -20.77 -11.93
C ILE D 61 14.33 -21.31 -11.02
N THR D 62 14.26 -22.59 -10.66
CA THR D 62 15.28 -23.18 -9.81
C THR D 62 15.96 -24.40 -10.42
N HIS D 63 16.08 -24.41 -11.75
CA HIS D 63 16.74 -25.50 -12.50
C HIS D 63 16.57 -25.38 -14.01
N LEU D 64 17.55 -24.79 -14.69
CA LEU D 64 17.46 -24.64 -16.14
C LEU D 64 18.02 -25.89 -16.83
N HIS D 65 17.74 -26.01 -18.13
CA HIS D 65 18.24 -27.13 -18.94
C HIS D 65 18.29 -26.81 -20.45
N THR D 66 19.43 -27.08 -21.05
CA THR D 66 19.62 -26.81 -22.47
C THR D 66 20.62 -27.79 -23.04
N ASP D 67 20.81 -27.69 -24.37
CA ASP D 67 21.74 -28.52 -25.15
C ASP D 67 23.15 -27.95 -24.97
N ASN D 68 23.85 -27.65 -26.05
CA ASN D 68 25.18 -27.10 -25.88
C ASN D 68 25.73 -26.14 -26.93
N GLY D 69 26.56 -25.21 -26.46
CA GLY D 69 27.16 -24.22 -27.32
C GLY D 69 26.99 -22.83 -26.71
N ALA D 70 27.03 -21.81 -27.57
CA ALA D 70 26.89 -20.41 -27.16
C ALA D 70 25.71 -20.15 -26.23
N ASN D 71 24.75 -21.06 -26.22
CA ASN D 71 23.60 -20.93 -25.33
C ASN D 71 24.02 -21.48 -23.98
N PHE D 72 24.44 -22.73 -23.97
CA PHE D 72 24.79 -23.42 -22.75
C PHE D 72 25.93 -22.87 -21.89
N ALA D 73 27.14 -23.38 -22.12
CA ALA D 73 28.33 -22.99 -21.36
C ALA D 73 28.46 -21.49 -21.08
N SER D 74 28.15 -20.69 -22.09
CA SER D 74 28.19 -19.23 -22.05
C SER D 74 28.54 -18.60 -20.72
N GLN D 75 29.70 -17.94 -20.69
CA GLN D 75 30.20 -17.26 -19.51
C GLN D 75 29.11 -16.34 -18.93
N GLU D 76 28.33 -15.72 -19.82
CA GLU D 76 27.26 -14.83 -19.43
C GLU D 76 26.20 -15.68 -18.72
N VAL D 77 25.88 -16.82 -19.31
CA VAL D 77 24.88 -17.73 -18.76
C VAL D 77 25.31 -18.36 -17.43
N LYS D 78 26.60 -18.29 -17.12
CA LYS D 78 27.12 -18.79 -15.85
C LYS D 78 27.02 -17.60 -14.88
N MET D 79 27.50 -16.46 -15.34
CA MET D 79 27.50 -15.21 -14.57
C MET D 79 26.07 -14.75 -14.24
N VAL D 80 25.11 -15.31 -14.95
CA VAL D 80 23.71 -15.00 -14.77
C VAL D 80 23.03 -16.06 -13.92
N ALA D 81 23.39 -17.32 -14.14
CA ALA D 81 22.82 -18.42 -13.37
C ALA D 81 23.27 -18.33 -11.92
N TRP D 82 24.49 -17.82 -11.71
CA TRP D 82 25.04 -17.66 -10.38
C TRP D 82 24.28 -16.57 -9.65
N TRP D 83 24.03 -15.47 -10.34
CA TRP D 83 23.33 -14.32 -9.77
C TRP D 83 21.95 -14.66 -9.29
N ALA D 84 21.27 -15.57 -10.01
CA ALA D 84 19.92 -15.98 -9.67
C ALA D 84 19.81 -17.38 -9.07
N GLY D 85 20.94 -18.00 -8.74
CA GLY D 85 20.92 -19.33 -8.14
C GLY D 85 20.43 -20.44 -9.04
N ILE D 86 20.31 -20.14 -10.33
CA ILE D 86 19.86 -21.09 -11.34
C ILE D 86 21.03 -22.00 -11.75
N GLU D 87 20.85 -23.30 -11.60
CA GLU D 87 21.87 -24.29 -11.96
C GLU D 87 21.88 -24.52 -13.46
N HIS D 88 22.50 -25.60 -13.90
CA HIS D 88 22.55 -25.98 -15.32
C HIS D 88 22.84 -27.45 -15.55
N THR D 89 22.26 -28.00 -16.62
CA THR D 89 22.47 -29.40 -16.94
C THR D 89 22.83 -29.58 -18.41
N PHE D 90 23.91 -30.34 -18.63
CA PHE D 90 24.48 -30.65 -19.94
C PHE D 90 23.49 -30.89 -21.06
N GLY D 91 22.85 -32.05 -21.05
CA GLY D 91 21.90 -32.37 -22.11
C GLY D 91 22.62 -32.76 -23.39
N GLU D 103 10.95 -31.75 -24.28
CA GLU D 103 11.88 -30.77 -24.92
C GLU D 103 11.38 -30.31 -26.29
N ALA D 104 10.91 -31.28 -27.08
CA ALA D 104 10.40 -31.05 -28.44
C ALA D 104 9.09 -30.24 -28.53
N MET D 105 9.13 -29.02 -28.03
CA MET D 105 7.95 -28.18 -28.04
C MET D 105 8.01 -27.01 -29.04
N ASN D 106 9.12 -26.88 -29.75
CA ASN D 106 9.20 -25.83 -30.77
C ASN D 106 8.50 -26.33 -32.05
N HIS D 107 8.33 -27.65 -32.14
CA HIS D 107 7.64 -28.25 -33.29
C HIS D 107 6.18 -27.78 -33.18
N HIS D 108 5.74 -27.45 -31.97
CA HIS D 108 4.40 -26.95 -31.75
C HIS D 108 4.41 -25.48 -32.10
N LEU D 109 5.47 -24.80 -31.64
CA LEU D 109 5.66 -23.37 -31.87
C LEU D 109 5.45 -23.05 -33.36
N LYS D 110 6.23 -23.71 -34.20
CA LYS D 110 6.13 -23.53 -35.63
C LYS D 110 4.74 -23.92 -36.09
N ASN D 111 4.27 -25.10 -35.70
CA ASN D 111 2.93 -25.55 -36.09
C ASN D 111 1.85 -24.54 -35.73
N GLN D 112 2.05 -23.75 -34.69
CA GLN D 112 1.08 -22.74 -34.31
C GLN D 112 1.31 -21.44 -35.07
N ILE D 113 2.53 -21.22 -35.57
CA ILE D 113 2.81 -19.99 -36.30
C ILE D 113 2.12 -19.87 -37.66
N ASP D 114 2.25 -20.91 -38.49
CA ASP D 114 1.63 -20.87 -39.83
C ASP D 114 0.14 -20.87 -39.65
N ARG D 115 -0.33 -21.66 -38.71
CA ARG D 115 -1.75 -21.76 -38.40
C ARG D 115 -2.38 -20.39 -38.09
N ILE D 116 -1.55 -19.40 -37.76
CA ILE D 116 -2.04 -18.07 -37.42
C ILE D 116 -1.29 -17.00 -38.22
N ARG D 117 -0.40 -17.46 -39.11
CA ARG D 117 0.45 -16.60 -39.92
C ARG D 117 -0.02 -15.28 -40.54
N GLU D 118 -1.27 -15.18 -40.99
CA GLU D 118 -1.72 -13.94 -41.64
C GLU D 118 -2.11 -12.75 -40.74
N GLN D 119 -2.22 -12.99 -39.44
CA GLN D 119 -2.61 -11.94 -38.49
C GLN D 119 -1.71 -10.70 -38.49
N ALA D 120 -0.40 -10.94 -38.52
CA ALA D 120 0.56 -9.85 -38.50
C ALA D 120 1.76 -10.16 -39.36
N ASN D 121 2.39 -9.09 -39.83
CA ASN D 121 3.53 -9.19 -40.70
C ASN D 121 4.78 -9.85 -40.12
N SER D 122 5.59 -9.07 -39.44
CA SER D 122 6.86 -9.51 -38.87
C SER D 122 6.88 -10.79 -38.04
N VAL D 123 8.03 -11.45 -38.02
CA VAL D 123 8.21 -12.64 -37.20
C VAL D 123 8.23 -12.12 -35.74
N GLU D 124 8.72 -10.89 -35.58
CA GLU D 124 8.84 -10.22 -34.29
C GLU D 124 7.47 -9.98 -33.65
N THR D 125 6.39 -10.37 -34.32
CA THR D 125 5.05 -10.22 -33.77
C THR D 125 4.26 -11.51 -33.90
N ILE D 126 4.73 -12.40 -34.76
CA ILE D 126 4.08 -13.67 -34.98
C ILE D 126 4.33 -14.59 -33.77
N VAL D 127 5.59 -14.78 -33.39
CA VAL D 127 5.95 -15.65 -32.25
C VAL D 127 5.32 -15.18 -30.94
N LEU D 128 5.00 -13.89 -30.85
CA LEU D 128 4.37 -13.38 -29.63
C LEU D 128 2.91 -13.87 -29.59
N MET D 129 2.22 -13.78 -30.72
CA MET D 129 0.84 -14.24 -30.83
C MET D 129 0.78 -15.75 -30.56
N ALA D 130 1.70 -16.51 -31.16
CA ALA D 130 1.77 -17.96 -30.97
C ALA D 130 1.79 -18.39 -29.50
N VAL D 131 2.57 -17.70 -28.68
CA VAL D 131 2.65 -18.02 -27.24
C VAL D 131 1.36 -17.63 -26.53
N HIS D 132 0.87 -16.43 -26.81
CA HIS D 132 -0.35 -15.94 -26.20
C HIS D 132 -1.46 -16.97 -26.39
N CYS D 133 -1.34 -17.76 -27.45
CA CYS D 133 -2.29 -18.81 -27.81
C CYS D 133 -1.98 -20.18 -27.20
N MET D 134 -0.71 -20.54 -27.11
CA MET D 134 -0.32 -21.82 -26.51
C MET D 134 -0.39 -21.75 -24.99
N ASN D 135 -0.47 -20.54 -24.46
CA ASN D 135 -0.57 -20.33 -23.01
C ASN D 135 -2.05 -20.24 -22.66
N HIS D 136 -2.86 -19.84 -23.64
CA HIS D 136 -4.28 -19.67 -23.43
C HIS D 136 -5.13 -20.49 -24.40
N LYS D 137 -4.98 -21.81 -24.32
CA LYS D 137 -5.75 -22.75 -25.13
C LYS D 137 -5.91 -23.97 -24.23
N ARG D 138 -7.08 -24.06 -23.62
CA ARG D 138 -7.38 -25.14 -22.69
C ARG D 138 -7.41 -26.50 -23.35
N ARG D 139 -7.48 -27.53 -22.52
CA ARG D 139 -7.55 -28.90 -22.99
C ARG D 139 -7.97 -29.88 -21.90
N GLY D 140 -7.19 -30.94 -21.74
CA GLY D 140 -7.49 -31.94 -20.74
C GLY D 140 -6.23 -32.34 -20.01
N GLY D 141 -5.93 -33.63 -20.00
CA GLY D 141 -4.76 -34.10 -19.29
C GLY D 141 -4.91 -33.60 -17.87
N ILE D 142 -5.99 -34.06 -17.23
CA ILE D 142 -6.35 -33.67 -15.87
C ILE D 142 -6.28 -32.16 -15.63
N GLY D 143 -7.05 -31.42 -16.43
CA GLY D 143 -7.09 -29.98 -16.30
C GLY D 143 -7.84 -29.20 -17.37
N ASP D 144 -8.81 -28.40 -16.93
CA ASP D 144 -9.61 -27.53 -17.81
C ASP D 144 -8.67 -26.35 -18.09
N MET D 145 -7.99 -25.95 -17.02
CA MET D 145 -7.03 -24.87 -16.97
C MET D 145 -6.03 -24.72 -18.15
N THR D 146 -5.84 -23.47 -18.57
CA THR D 146 -4.93 -23.13 -19.67
C THR D 146 -3.50 -23.29 -19.17
N PRO D 147 -2.53 -23.46 -20.10
CA PRO D 147 -1.13 -23.63 -19.70
C PRO D 147 -0.66 -22.54 -18.73
N ALA D 148 -1.29 -21.38 -18.81
CA ALA D 148 -0.96 -20.30 -17.91
C ALA D 148 -1.56 -20.63 -16.54
N GLU D 149 -2.83 -21.03 -16.53
CA GLU D 149 -3.55 -21.38 -15.30
C GLU D 149 -2.89 -22.49 -14.51
N ARG D 150 -2.03 -23.26 -15.16
CA ARG D 150 -1.31 -24.32 -14.49
C ARG D 150 -0.15 -23.73 -13.69
N LEU D 151 0.66 -22.90 -14.36
CA LEU D 151 1.82 -22.26 -13.74
C LEU D 151 1.42 -21.33 -12.60
N ILE D 152 0.50 -20.43 -12.88
CA ILE D 152 0.00 -19.49 -11.87
C ILE D 152 -0.60 -20.26 -10.68
N ASN D 153 -0.84 -21.55 -10.88
CA ASN D 153 -1.40 -22.40 -9.83
C ASN D 153 -0.27 -23.12 -9.09
N MET D 154 0.66 -23.73 -9.82
CA MET D 154 1.76 -24.43 -9.17
C MET D 154 2.55 -23.46 -8.30
N ILE D 155 2.61 -22.20 -8.73
CA ILE D 155 3.29 -21.14 -8.03
C ILE D 155 2.55 -20.79 -6.73
N THR D 156 1.22 -20.88 -6.75
CA THR D 156 0.46 -20.56 -5.56
C THR D 156 0.41 -21.77 -4.63
N THR D 157 0.23 -22.95 -5.21
CA THR D 157 0.18 -24.18 -4.44
C THR D 157 1.40 -24.20 -3.55
N GLU D 158 2.49 -23.62 -4.01
CA GLU D 158 3.70 -23.59 -3.22
C GLU D 158 3.97 -22.17 -2.68
N LYS E 4 1.29 -19.61 3.23
CA LYS E 4 2.52 -19.19 3.95
C LYS E 4 2.99 -20.21 4.99
N ASN E 5 2.07 -21.05 5.46
CA ASN E 5 2.29 -22.13 6.43
C ASN E 5 3.56 -22.08 7.27
N SER E 6 3.56 -21.17 8.27
CA SER E 6 4.69 -20.95 9.20
C SER E 6 4.41 -19.57 9.82
N LYS E 7 3.57 -19.53 10.86
CA LYS E 7 3.24 -18.23 11.45
C LYS E 7 4.37 -17.60 12.28
N PHE E 8 4.49 -16.29 12.08
CA PHE E 8 5.49 -15.41 12.68
C PHE E 8 5.92 -15.68 14.13
N LYS E 9 5.02 -15.38 15.07
CA LYS E 9 5.25 -15.57 16.52
C LYS E 9 6.18 -14.57 17.21
N ASN E 10 6.40 -13.41 16.56
CA ASN E 10 7.21 -12.34 17.11
C ASN E 10 6.28 -11.40 17.88
N PHE E 11 5.15 -11.94 18.31
CA PHE E 11 4.15 -11.17 19.05
C PHE E 11 4.21 -11.47 20.54
N ARG E 12 4.09 -10.43 21.35
CA ARG E 12 4.13 -10.52 22.79
C ARG E 12 2.73 -10.06 23.24
N VAL E 13 2.01 -10.92 23.94
CA VAL E 13 0.67 -10.56 24.41
C VAL E 13 0.48 -10.70 25.91
N TYR E 14 0.37 -9.56 26.58
CA TYR E 14 0.15 -9.60 28.02
C TYR E 14 -1.34 -9.46 28.30
N TYR E 15 -1.90 -10.49 28.93
CA TYR E 15 -3.31 -10.57 29.28
C TYR E 15 -3.79 -9.61 30.37
N ARG E 16 -4.18 -8.41 29.94
CA ARG E 16 -4.65 -7.36 30.83
C ARG E 16 -6.15 -7.42 31.14
N GLU E 17 -6.52 -8.03 32.27
CA GLU E 17 -7.94 -8.13 32.64
C GLU E 17 -8.50 -6.86 33.28
N GLY E 18 -8.40 -6.73 34.61
CA GLY E 18 -8.92 -5.54 35.26
C GLY E 18 -8.81 -5.48 36.77
N ARG E 19 -8.22 -6.49 37.39
CA ARG E 19 -8.08 -6.53 38.85
C ARG E 19 -7.08 -5.48 39.37
N ASP E 20 -6.33 -4.88 38.44
CA ASP E 20 -5.33 -3.83 38.68
C ASP E 20 -4.65 -3.50 37.35
N GLN E 21 -3.78 -2.50 37.34
CA GLN E 21 -3.04 -2.10 36.14
C GLN E 21 -1.63 -2.73 36.11
N LEU E 22 -1.50 -3.93 36.68
CA LEU E 22 -0.24 -4.68 36.69
C LEU E 22 -0.07 -5.49 35.40
N TRP E 23 0.80 -5.01 34.51
CA TRP E 23 1.09 -5.66 33.24
C TRP E 23 1.25 -7.17 33.46
N LYS E 24 0.50 -7.98 32.73
CA LYS E 24 0.60 -9.42 32.91
C LYS E 24 1.46 -10.17 31.90
N GLY E 25 2.77 -10.20 32.20
CA GLY E 25 3.80 -10.87 31.41
C GLY E 25 3.53 -11.44 30.02
N PRO E 26 3.84 -10.67 28.97
CA PRO E 26 3.68 -10.98 27.55
C PRO E 26 3.79 -12.45 27.16
N GLY E 27 2.64 -13.09 26.97
CA GLY E 27 2.59 -14.47 26.56
C GLY E 27 2.76 -14.63 25.05
N GLU E 28 2.71 -15.87 24.57
CA GLU E 28 2.88 -16.13 23.15
C GLU E 28 1.51 -16.24 22.51
N LEU E 29 1.29 -15.50 21.43
CA LEU E 29 0.00 -15.54 20.74
C LEU E 29 -0.13 -16.75 19.81
N LEU E 30 -1.31 -17.34 19.78
CA LEU E 30 -1.57 -18.49 18.93
C LEU E 30 -3.05 -18.64 18.73
N TRP E 31 -3.75 -17.54 18.97
CA TRP E 31 -5.20 -17.46 18.86
C TRP E 31 -5.71 -18.07 17.55
N LYS E 32 -6.92 -18.63 17.61
CA LYS E 32 -7.60 -19.24 16.46
C LYS E 32 -9.11 -19.18 16.71
N GLY E 33 -9.73 -18.05 16.38
CA GLY E 33 -11.17 -17.90 16.59
C GLY E 33 -11.68 -16.48 16.43
N GLU E 34 -12.21 -15.88 17.50
CA GLU E 34 -12.72 -14.49 17.47
C GLU E 34 -13.13 -13.89 18.83
N GLY E 35 -13.88 -14.65 19.62
CA GLY E 35 -14.34 -14.16 20.91
C GLY E 35 -13.35 -14.27 22.06
N ALA E 36 -12.19 -14.87 21.79
CA ALA E 36 -11.17 -15.06 22.82
C ALA E 36 -9.74 -14.75 22.33
N VAL E 37 -8.75 -15.35 23.00
CA VAL E 37 -7.33 -15.21 22.67
C VAL E 37 -6.55 -16.35 23.37
N LEU E 38 -6.34 -17.45 22.66
CA LEU E 38 -5.60 -18.61 23.19
C LEU E 38 -4.12 -18.21 23.22
N LEU E 39 -3.47 -18.27 24.39
CA LEU E 39 -2.05 -17.88 24.48
C LEU E 39 -1.14 -18.73 25.37
N LYS E 40 -0.16 -19.36 24.75
CA LYS E 40 0.81 -20.24 25.44
C LYS E 40 1.94 -19.51 26.20
N VAL E 41 1.94 -19.61 27.53
CA VAL E 41 2.97 -19.00 28.38
C VAL E 41 3.87 -20.10 28.96
N GLY E 42 5.04 -20.27 28.36
CA GLY E 42 5.93 -21.34 28.79
C GLY E 42 5.35 -22.60 28.20
N THR E 43 4.42 -23.19 28.94
CA THR E 43 3.75 -24.40 28.48
C THR E 43 2.25 -24.23 28.68
N ASP E 44 1.88 -23.48 29.71
CA ASP E 44 0.49 -23.23 30.03
C ASP E 44 -0.23 -22.39 28.98
N ILE E 45 -1.18 -23.02 28.28
CA ILE E 45 -1.97 -22.35 27.25
C ILE E 45 -3.16 -21.64 27.91
N LYS E 46 -3.32 -20.35 27.65
CA LYS E 46 -4.41 -19.60 28.27
C LYS E 46 -5.34 -18.85 27.33
N VAL E 47 -6.58 -19.32 27.23
CA VAL E 47 -7.58 -18.67 26.39
C VAL E 47 -8.01 -17.46 27.22
N VAL E 48 -8.16 -16.31 26.57
CA VAL E 48 -8.54 -15.10 27.30
C VAL E 48 -9.65 -14.36 26.55
N PRO E 49 -10.61 -13.79 27.28
CA PRO E 49 -11.71 -13.05 26.63
C PRO E 49 -11.14 -11.78 26.00
N ARG E 50 -11.27 -11.65 24.69
CA ARG E 50 -10.75 -10.49 23.94
C ARG E 50 -10.56 -9.18 24.71
N ARG E 51 -11.63 -8.68 25.33
CA ARG E 51 -11.61 -7.43 26.08
C ARG E 51 -10.51 -7.23 27.10
N LYS E 52 -10.00 -8.34 27.64
CA LYS E 52 -8.95 -8.35 28.67
C LYS E 52 -7.63 -8.97 28.21
N ALA E 53 -7.15 -8.53 27.04
CA ALA E 53 -5.89 -9.01 26.45
C ALA E 53 -5.24 -7.82 25.75
N LYS E 54 -3.94 -7.95 25.44
CA LYS E 54 -3.19 -6.89 24.77
C LYS E 54 -1.99 -7.52 24.08
N ILE E 55 -2.00 -7.47 22.76
CA ILE E 55 -0.93 -8.05 21.98
C ILE E 55 -0.12 -6.91 21.37
N ILE E 56 1.18 -7.13 21.20
CA ILE E 56 2.11 -6.17 20.62
C ILE E 56 3.13 -6.95 19.79
N LYS E 57 3.85 -6.28 18.89
CA LYS E 57 4.82 -6.96 18.03
C LYS E 57 6.24 -6.47 18.29
N ASP E 58 7.24 -7.23 17.83
CA ASP E 58 8.64 -6.86 17.98
C ASP E 58 9.02 -6.64 19.44
#